data_8PWM
#
_entry.id   8PWM
#
_cell.length_a   65.849
_cell.length_b   65.849
_cell.length_c   264.213
_cell.angle_alpha   90.00
_cell.angle_beta   90.00
_cell.angle_gamma   120.00
#
_symmetry.space_group_name_H-M   'P 65 2 2'
#
loop_
_entity.id
_entity.type
_entity.pdbx_description
1 polymer 'Vitamin D3 receptor A'
2 polymer 'Nuclear receptor coactivator 2'
3 non-polymer 'ACETATE ION'
4 non-polymer (1R,3S,5Z)-4-methylidene-5-[(E)-3-[3-[7,7,7-tris(fluoranyl)-6-oxidanyl-6-(trifluoromethyl)hept-3-ynyl]phenyl]but-2-enylidene]cyclohexane-1,3-diol
5 water water
#
loop_
_entity_poly.entity_id
_entity_poly.type
_entity_poly.pdbx_seq_one_letter_code
_entity_poly.pdbx_strand_id
1 'polypeptide(L)'
;GSHMLSDEQMQIINSLVEAHHKTYDDSYSDFVRFRPPVREGPVTRSASRAASLHSLSDASSDSFNHSPESVDTKLNFSNL
LMMYQDSGSPDSSEEDQQSRLSMLPHLADLVSYSIQKVIGFAKMIPGFRDLTAEDQIALLKSSAIEIIMLRSNQSFSLED
MSWSCGGPDFKYCINDVTKAGHTLELLEPLVKFQVGLKKLKLHEEEHVLLMAICLLSPDRPGVQDHVRIEALQDRLCDVL
QAYIRIQHPGGRLLYAKMIQKLADLRSLNEEHSKQYRSLSFQPEHSMQLTPLVLEVFGSEVS
;
A
2 'polypeptide(L)' KHKILHRLLQDSS B
#
loop_
_chem_comp.id
_chem_comp.type
_chem_comp.name
_chem_comp.formula
ACT non-polymer 'ACETATE ION' 'C2 H3 O2 -1'
HXI non-polymer (1R,3S,5Z)-4-methylidene-5-[(E)-3-[3-[7,7,7-tris(fluoranyl)-6-oxidanyl-6-(trifluoromethyl)hept-3-ynyl]phenyl]but-2-enylidene]cyclohexane-1,3-diol 'C25 H26 F6 O3'
#
# COMPACT_ATOMS: atom_id res chain seq x y z
N MET A 4 3.46 -25.52 14.88
CA MET A 4 4.66 -24.88 15.41
C MET A 4 5.37 -23.93 14.43
N LEU A 5 5.45 -22.64 14.79
CA LEU A 5 6.31 -21.69 14.09
C LEU A 5 7.69 -21.69 14.73
N SER A 6 8.72 -21.48 13.90
CA SER A 6 10.06 -21.43 14.48
C SER A 6 10.25 -20.13 15.26
N ASP A 7 11.38 -20.07 15.97
CA ASP A 7 11.67 -18.86 16.72
C ASP A 7 12.01 -17.71 15.79
N GLU A 8 12.74 -17.99 14.71
CA GLU A 8 13.02 -16.98 13.71
C GLU A 8 11.77 -16.56 12.94
N GLN A 9 10.72 -17.39 12.97
CA GLN A 9 9.47 -17.08 12.30
C GLN A 9 8.62 -16.10 13.09
N MET A 10 8.53 -16.30 14.39
CA MET A 10 7.74 -15.36 15.17
C MET A 10 8.49 -14.06 15.42
N GLN A 11 9.82 -14.06 15.32
CA GLN A 11 10.55 -12.79 15.29
C GLN A 11 10.12 -11.95 14.09
N ILE A 12 10.05 -12.57 12.90
CA ILE A 12 9.62 -11.86 11.70
C ILE A 12 8.21 -11.33 11.84
N ILE A 13 7.34 -12.08 12.50
CA ILE A 13 5.98 -11.58 12.75
C ILE A 13 6.01 -10.44 13.76
N ASN A 14 6.82 -10.57 14.81
CA ASN A 14 6.87 -9.56 15.86
C ASN A 14 7.33 -8.21 15.31
N SER A 15 8.32 -8.22 14.42
CA SER A 15 8.85 -6.97 13.88
C SER A 15 8.02 -6.45 12.70
N LEU A 16 7.27 -7.29 12.00
CA LEU A 16 6.36 -6.73 11.02
C LEU A 16 5.15 -6.06 11.69
N VAL A 17 4.65 -6.64 12.79
CA VAL A 17 3.53 -6.01 13.48
C VAL A 17 3.97 -4.69 14.11
N GLU A 18 5.13 -4.69 14.78
CA GLU A 18 5.61 -3.45 15.38
C GLU A 18 5.85 -2.37 14.33
N ALA A 19 6.37 -2.76 13.16
CA ALA A 19 6.63 -1.81 12.08
C ALA A 19 5.35 -1.14 11.60
N HIS A 20 4.29 -1.92 11.48
CA HIS A 20 3.00 -1.38 11.10
C HIS A 20 2.43 -0.48 12.17
N HIS A 21 2.70 -0.76 13.44
CA HIS A 21 2.08 0.02 14.48
C HIS A 21 2.73 1.39 14.61
N LYS A 22 4.02 1.48 14.27
CA LYS A 22 4.78 2.71 14.30
C LYS A 22 4.47 3.62 13.12
N THR A 23 3.89 3.09 12.06
CA THR A 23 3.68 3.80 10.81
C THR A 23 2.21 3.87 10.42
N TYR A 24 1.29 3.52 11.32
CA TYR A 24 -0.12 3.64 11.01
C TYR A 24 -0.80 4.12 12.28
N ASP A 25 -1.37 5.32 12.20
CA ASP A 25 -1.91 6.08 13.33
C ASP A 25 -3.43 6.05 13.20
N ASP A 26 -4.07 5.14 13.95
CA ASP A 26 -5.52 4.99 13.94
C ASP A 26 -6.28 6.24 14.38
N SER A 27 -5.60 7.28 14.89
CA SER A 27 -6.31 8.52 15.22
C SER A 27 -6.52 9.43 14.01
N TYR A 28 -5.76 9.20 12.92
CA TYR A 28 -5.88 9.98 11.70
C TYR A 28 -5.86 11.49 11.99
N SER A 29 -5.17 11.86 13.07
CA SER A 29 -5.20 13.25 13.53
C SER A 29 -4.26 14.11 12.69
N ASP A 30 -3.23 13.51 12.11
CA ASP A 30 -2.40 14.21 11.14
C ASP A 30 -3.19 14.70 9.93
N PHE A 31 -4.38 14.13 9.70
CA PHE A 31 -5.14 14.47 8.50
C PHE A 31 -5.59 15.93 8.48
N VAL A 32 -5.56 16.61 9.62
CA VAL A 32 -5.99 18.00 9.68
C VAL A 32 -4.97 18.94 9.03
N ARG A 33 -3.80 18.40 8.67
CA ARG A 33 -2.71 19.16 8.09
C ARG A 33 -2.69 19.11 6.57
N PHE A 34 -3.48 18.23 5.96
CA PHE A 34 -3.58 18.23 4.50
C PHE A 34 -4.38 19.43 4.04
N ARG A 35 -4.11 19.87 2.81
CA ARG A 35 -5.04 20.78 2.19
C ARG A 35 -6.43 20.20 2.35
N PRO A 36 -7.40 20.97 2.83
CA PRO A 36 -8.68 20.39 3.25
C PRO A 36 -9.47 19.80 2.10
N PRO A 37 -10.40 18.90 2.40
CA PRO A 37 -11.28 18.34 1.35
C PRO A 37 -12.33 19.35 0.89
N VAL A 38 -12.57 19.36 -0.42
CA VAL A 38 -13.62 20.18 -1.03
C VAL A 38 -14.54 19.26 -1.82
N ARG A 39 -15.81 19.21 -1.44
CA ARG A 39 -16.77 18.38 -2.18
C ARG A 39 -17.95 19.21 -2.67
N ARG A 100 -14.06 19.72 -12.55
CA ARG A 100 -13.19 20.65 -11.85
C ARG A 100 -12.22 19.98 -10.87
N LEU A 101 -12.56 18.77 -10.41
CA LEU A 101 -11.73 17.98 -9.50
C LEU A 101 -11.41 18.71 -8.21
N SER A 102 -12.34 18.76 -7.24
CA SER A 102 -12.16 19.52 -6.01
C SER A 102 -11.44 18.77 -4.88
N MET A 103 -11.27 17.45 -4.99
CA MET A 103 -10.63 16.64 -3.95
C MET A 103 -9.17 16.28 -4.26
N LEU A 104 -8.63 16.68 -5.41
CA LEU A 104 -7.23 16.37 -5.71
C LEU A 104 -6.24 16.97 -4.71
N PRO A 105 -6.37 18.21 -4.22
CA PRO A 105 -5.42 18.65 -3.19
C PRO A 105 -5.45 17.77 -1.95
N HIS A 106 -6.63 17.52 -1.37
CA HIS A 106 -6.65 16.75 -0.14
C HIS A 106 -6.15 15.30 -0.38
N LEU A 107 -6.65 14.65 -1.44
CA LEU A 107 -6.25 13.27 -1.70
C LEU A 107 -4.79 13.16 -2.13
N ALA A 108 -4.28 14.11 -2.91
CA ALA A 108 -2.84 14.08 -3.22
C ALA A 108 -2.03 14.16 -1.94
N ASP A 109 -2.49 14.98 -0.99
CA ASP A 109 -1.80 15.10 0.29
C ASP A 109 -1.91 13.80 1.09
N LEU A 110 -3.11 13.20 1.10
CA LEU A 110 -3.29 11.93 1.81
C LEU A 110 -2.39 10.84 1.26
N VAL A 111 -2.33 10.68 -0.07
CA VAL A 111 -1.45 9.67 -0.64
C VAL A 111 0.00 9.99 -0.31
N SER A 112 0.38 11.24 -0.49
CA SER A 112 1.75 11.65 -0.24
C SER A 112 2.20 11.29 1.18
N TYR A 113 1.35 11.61 2.17
CA TYR A 113 1.63 11.21 3.55
C TYR A 113 1.70 9.68 3.66
N SER A 114 0.73 8.97 3.07
CA SER A 114 0.75 7.50 3.16
C SER A 114 2.05 6.93 2.59
N ILE A 115 2.55 7.49 1.48
CA ILE A 115 3.82 7.01 0.91
C ILE A 115 4.95 7.09 1.94
N GLN A 116 4.98 8.14 2.78
CA GLN A 116 6.03 8.21 3.79
C GLN A 116 5.87 7.12 4.85
N LYS A 117 4.62 6.81 5.21
CA LYS A 117 4.37 5.70 6.12
C LYS A 117 4.83 4.36 5.53
N VAL A 118 4.61 4.14 4.22
CA VAL A 118 5.02 2.89 3.59
C VAL A 118 6.54 2.81 3.50
N ILE A 119 7.22 3.94 3.25
CA ILE A 119 8.68 3.95 3.27
C ILE A 119 9.16 3.61 4.69
N GLY A 120 8.51 4.20 5.70
CA GLY A 120 8.84 3.90 7.07
C GLY A 120 8.64 2.44 7.40
N PHE A 121 7.49 1.88 6.98
CA PHE A 121 7.21 0.46 7.20
C PHE A 121 8.25 -0.41 6.49
N ALA A 122 8.55 -0.11 5.22
CA ALA A 122 9.45 -0.94 4.45
C ALA A 122 10.83 -1.04 5.10
N LYS A 123 11.34 0.08 5.63
CA LYS A 123 12.69 0.10 6.22
C LYS A 123 12.82 -0.81 7.43
N MET A 124 11.71 -1.33 7.96
CA MET A 124 11.73 -2.25 9.11
C MET A 124 11.35 -3.68 8.74
N ILE A 125 11.13 -3.96 7.47
CA ILE A 125 10.99 -5.36 7.07
C ILE A 125 12.36 -6.04 7.18
N PRO A 126 12.45 -7.22 7.81
CA PRO A 126 13.75 -7.92 7.91
C PRO A 126 14.53 -7.98 6.61
N GLY A 127 15.64 -7.24 6.52
CA GLY A 127 16.53 -7.37 5.38
C GLY A 127 16.18 -6.52 4.17
N PHE A 128 15.08 -5.78 4.20
CA PHE A 128 14.85 -4.79 3.16
C PHE A 128 15.94 -3.72 3.19
N ARG A 129 16.33 -3.27 4.39
CA ARG A 129 17.40 -2.29 4.52
C ARG A 129 18.71 -2.82 3.96
N ASP A 130 18.92 -4.14 3.99
CA ASP A 130 20.14 -4.76 3.47
C ASP A 130 20.22 -4.73 1.95
N LEU A 131 19.15 -4.39 1.24
CA LEU A 131 19.19 -4.37 -0.21
C LEU A 131 19.96 -3.15 -0.71
N THR A 132 20.55 -3.28 -1.91
CA THR A 132 21.12 -2.10 -2.57
C THR A 132 20.07 -1.01 -2.67
N ALA A 133 20.50 0.25 -2.50
CA ALA A 133 19.56 1.37 -2.44
C ALA A 133 18.80 1.56 -3.75
N GLU A 134 19.33 1.02 -4.85
CA GLU A 134 18.56 1.01 -6.09
C GLU A 134 17.40 0.02 -6.02
N ASP A 135 17.62 -1.17 -5.45
CA ASP A 135 16.53 -2.13 -5.30
C ASP A 135 15.44 -1.58 -4.39
N GLN A 136 15.82 -0.95 -3.27
CA GLN A 136 14.81 -0.39 -2.37
C GLN A 136 13.91 0.56 -3.12
N ILE A 137 14.51 1.47 -3.92
CA ILE A 137 13.72 2.43 -4.69
C ILE A 137 12.84 1.72 -5.72
N ALA A 138 13.44 0.77 -6.46
CA ALA A 138 12.69 -0.02 -7.45
C ALA A 138 11.48 -0.75 -6.82
N LEU A 139 11.70 -1.45 -5.70
CA LEU A 139 10.59 -2.08 -5.01
C LEU A 139 9.51 -1.06 -4.65
N LEU A 140 9.91 0.12 -4.14
CA LEU A 140 8.93 1.10 -3.64
C LEU A 140 8.18 1.81 -4.77
N LYS A 141 8.88 2.19 -5.84
CA LYS A 141 8.18 2.91 -6.91
C LYS A 141 7.08 2.04 -7.52
N SER A 142 7.35 0.74 -7.73
CA SER A 142 6.33 -0.14 -8.31
C SER A 142 5.25 -0.56 -7.30
N SER A 143 5.61 -0.82 -6.04
CA SER A 143 4.65 -1.39 -5.10
C SER A 143 3.94 -0.38 -4.20
N ALA A 144 4.38 0.89 -4.15
CA ALA A 144 3.80 1.82 -3.17
C ALA A 144 2.29 1.91 -3.29
N ILE A 145 1.77 2.00 -4.50
CA ILE A 145 0.32 2.21 -4.63
C ILE A 145 -0.46 0.95 -4.19
N GLU A 146 0.14 -0.24 -4.33
CA GLU A 146 -0.55 -1.47 -3.88
C GLU A 146 -0.58 -1.56 -2.36
N ILE A 147 0.52 -1.21 -1.70
N ILE A 147 0.53 -1.22 -1.71
CA ILE A 147 0.54 -1.21 -0.24
CA ILE A 147 0.58 -1.16 -0.25
C ILE A 147 -0.39 -0.12 0.29
C ILE A 147 -0.41 -0.15 0.27
N ILE A 148 -0.57 0.96 -0.46
CA ILE A 148 -1.54 1.98 -0.09
C ILE A 148 -2.94 1.39 -0.10
N MET A 149 -3.29 0.72 -1.22
CA MET A 149 -4.61 0.10 -1.35
C MET A 149 -4.83 -0.97 -0.30
N LEU A 150 -3.77 -1.75 -0.03
CA LEU A 150 -3.83 -2.77 1.01
C LEU A 150 -4.06 -2.14 2.37
N ARG A 151 -3.25 -1.13 2.72
CA ARG A 151 -3.29 -0.61 4.09
C ARG A 151 -4.56 0.20 4.32
N SER A 152 -5.12 0.82 3.28
CA SER A 152 -6.38 1.52 3.43
C SER A 152 -7.52 0.59 3.84
N ASN A 153 -7.37 -0.73 3.64
CA ASN A 153 -8.41 -1.66 4.11
C ASN A 153 -8.71 -1.43 5.59
N GLN A 154 -7.70 -1.03 6.37
CA GLN A 154 -7.87 -0.82 7.82
C GLN A 154 -8.88 0.28 8.14
N SER A 155 -9.04 1.29 7.27
CA SER A 155 -10.11 2.27 7.48
C SER A 155 -11.35 2.01 6.62
N PHE A 156 -11.29 1.05 5.71
CA PHE A 156 -12.46 0.75 4.91
C PHE A 156 -13.56 0.21 5.82
N SER A 157 -14.79 0.57 5.48
CA SER A 157 -15.96 0.22 6.28
C SER A 157 -16.98 -0.39 5.32
N LEU A 158 -17.36 -1.64 5.59
CA LEU A 158 -18.40 -2.30 4.79
C LEU A 158 -19.75 -1.64 5.01
N GLU A 159 -19.95 -1.07 6.20
CA GLU A 159 -21.21 -0.42 6.52
C GLU A 159 -21.42 0.81 5.65
N ASP A 160 -20.36 1.57 5.41
CA ASP A 160 -20.45 2.83 4.69
C ASP A 160 -20.12 2.71 3.21
N MET A 161 -19.35 1.70 2.81
CA MET A 161 -18.73 1.64 1.47
C MET A 161 -17.86 2.87 1.26
N SER A 162 -17.03 3.16 2.25
CA SER A 162 -16.14 4.31 2.20
C SER A 162 -15.01 4.08 3.20
N TRP A 163 -13.91 4.77 2.97
CA TRP A 163 -12.82 4.83 3.94
C TRP A 163 -13.15 5.90 4.97
N SER A 164 -13.31 5.50 6.23
CA SER A 164 -13.72 6.40 7.30
C SER A 164 -12.52 6.68 8.19
N CYS A 165 -12.03 7.91 8.16
CA CYS A 165 -10.83 8.22 8.96
C CYS A 165 -11.13 9.23 10.07
N GLY A 166 -12.18 9.00 10.85
CA GLY A 166 -12.46 9.80 12.02
C GLY A 166 -13.03 11.17 11.72
N GLY A 167 -14.35 11.26 11.62
CA GLY A 167 -15.00 12.50 11.29
C GLY A 167 -15.58 12.48 9.90
N PRO A 168 -16.75 13.11 9.74
CA PRO A 168 -17.37 13.17 8.40
C PRO A 168 -16.55 13.92 7.37
N ASP A 169 -15.62 14.77 7.80
CA ASP A 169 -14.79 15.47 6.83
C ASP A 169 -13.65 14.62 6.28
N PHE A 170 -13.27 13.54 6.96
CA PHE A 170 -12.32 12.56 6.41
C PHE A 170 -13.01 11.22 6.12
N LYS A 171 -14.27 11.26 5.69
CA LYS A 171 -15.00 10.09 5.23
C LYS A 171 -15.10 10.19 3.71
N TYR A 172 -14.42 9.29 3.00
CA TYR A 172 -14.28 9.36 1.54
C TYR A 172 -15.16 8.33 0.85
N CYS A 173 -16.27 8.78 0.28
CA CYS A 173 -17.05 7.96 -0.62
C CYS A 173 -16.32 7.75 -1.95
N ILE A 174 -16.90 6.88 -2.78
CA ILE A 174 -16.45 6.71 -4.15
C ILE A 174 -16.49 8.04 -4.89
N ASN A 175 -17.52 8.84 -4.64
CA ASN A 175 -17.69 10.12 -5.31
C ASN A 175 -16.53 11.05 -5.02
N ASP A 176 -16.14 11.15 -3.75
CA ASP A 176 -15.00 11.96 -3.35
C ASP A 176 -13.76 11.64 -4.18
N VAL A 177 -13.57 10.36 -4.53
CA VAL A 177 -12.38 9.97 -5.29
C VAL A 177 -12.53 10.31 -6.77
N THR A 178 -13.76 10.26 -7.32
CA THR A 178 -13.94 10.74 -8.70
C THR A 178 -13.66 12.24 -8.79
N LYS A 179 -14.05 13.01 -7.78
CA LYS A 179 -13.68 14.44 -7.75
C LYS A 179 -12.20 14.66 -7.52
N ALA A 180 -11.37 13.63 -7.68
CA ALA A 180 -9.91 13.76 -7.66
C ALA A 180 -9.24 13.30 -8.94
N GLY A 181 -9.99 13.09 -10.03
CA GLY A 181 -9.44 12.64 -11.30
C GLY A 181 -9.82 11.22 -11.70
N HIS A 182 -10.11 10.33 -10.74
CA HIS A 182 -10.26 8.91 -11.07
C HIS A 182 -11.69 8.56 -11.51
N THR A 183 -11.80 7.48 -12.28
CA THR A 183 -13.08 7.03 -12.84
C THR A 183 -13.51 5.72 -12.20
N LEU A 184 -14.75 5.35 -12.51
CA LEU A 184 -15.26 4.08 -12.01
C LEU A 184 -14.50 2.89 -12.59
N GLU A 185 -13.80 3.07 -13.71
CA GLU A 185 -12.94 1.99 -14.21
C GLU A 185 -11.86 1.58 -13.20
N LEU A 186 -11.37 2.51 -12.36
CA LEU A 186 -10.51 2.15 -11.23
C LEU A 186 -11.28 1.99 -9.93
N LEU A 187 -12.38 2.70 -9.77
CA LEU A 187 -13.08 2.68 -8.49
C LEU A 187 -14.06 1.53 -8.40
N GLU A 188 -14.54 1.00 -9.54
CA GLU A 188 -15.35 -0.22 -9.51
C GLU A 188 -14.54 -1.41 -9.03
N PRO A 189 -13.45 -1.83 -9.68
CA PRO A 189 -12.66 -2.94 -9.10
C PRO A 189 -12.05 -2.63 -7.73
N LEU A 190 -11.66 -1.38 -7.45
CA LEU A 190 -10.98 -1.09 -6.18
C LEU A 190 -11.90 -1.34 -4.99
N VAL A 191 -13.18 -0.95 -5.09
CA VAL A 191 -14.07 -1.15 -3.96
C VAL A 191 -14.38 -2.65 -3.77
N LYS A 192 -14.58 -3.39 -4.88
CA LYS A 192 -14.82 -4.83 -4.77
C LYS A 192 -13.60 -5.57 -4.22
N PHE A 193 -12.39 -5.11 -4.54
CA PHE A 193 -11.20 -5.62 -3.88
C PHE A 193 -11.25 -5.32 -2.38
N GLN A 194 -11.66 -4.10 -2.01
CA GLN A 194 -11.70 -3.72 -0.60
C GLN A 194 -12.67 -4.60 0.20
N VAL A 195 -13.86 -4.89 -0.35
CA VAL A 195 -14.83 -5.64 0.44
C VAL A 195 -14.42 -7.11 0.54
N GLY A 196 -13.92 -7.69 -0.57
CA GLY A 196 -13.45 -9.06 -0.51
C GLY A 196 -12.26 -9.23 0.43
N LEU A 197 -11.39 -8.22 0.51
CA LEU A 197 -10.31 -8.27 1.48
C LEU A 197 -10.83 -8.07 2.89
N LYS A 198 -11.84 -7.20 3.03
CA LYS A 198 -12.48 -7.00 4.33
C LYS A 198 -13.15 -8.29 4.81
N LYS A 199 -13.75 -9.07 3.88
CA LYS A 199 -14.45 -10.30 4.23
C LYS A 199 -13.50 -11.39 4.69
N LEU A 200 -12.26 -11.37 4.20
CA LEU A 200 -11.28 -12.35 4.64
C LEU A 200 -11.05 -12.29 6.15
N LYS A 201 -11.27 -11.13 6.76
CA LYS A 201 -11.23 -10.98 8.24
C LYS A 201 -9.84 -11.35 8.76
N LEU A 202 -8.84 -10.76 8.13
CA LEU A 202 -7.46 -11.14 8.38
C LEU A 202 -7.05 -10.80 9.80
N HIS A 203 -6.24 -11.65 10.40
CA HIS A 203 -5.56 -11.28 11.61
C HIS A 203 -4.58 -10.15 11.31
N GLU A 204 -4.21 -9.40 12.36
CA GLU A 204 -3.21 -8.35 12.21
C GLU A 204 -1.92 -8.89 11.61
N GLU A 205 -1.49 -10.08 12.07
CA GLU A 205 -0.26 -10.71 11.59
C GLU A 205 -0.33 -11.05 10.11
N GLU A 206 -1.51 -11.41 9.62
CA GLU A 206 -1.68 -11.71 8.20
C GLU A 206 -1.67 -10.45 7.34
N HIS A 207 -2.45 -9.43 7.73
CA HIS A 207 -2.40 -8.13 7.06
C HIS A 207 -0.96 -7.69 6.83
N VAL A 208 -0.16 -7.62 7.90
N VAL A 208 -0.16 -7.61 7.90
CA VAL A 208 1.18 -7.08 7.75
CA VAL A 208 1.19 -7.06 7.73
C VAL A 208 2.06 -8.00 6.91
C VAL A 208 2.05 -7.99 6.89
N LEU A 209 1.88 -9.32 7.05
CA LEU A 209 2.62 -10.26 6.21
C LEU A 209 2.32 -10.03 4.73
N LEU A 210 1.04 -9.84 4.39
CA LEU A 210 0.64 -9.61 3.00
C LEU A 210 1.24 -8.32 2.46
N MET A 211 1.26 -7.25 3.26
CA MET A 211 1.88 -6.01 2.78
C MET A 211 3.37 -6.22 2.57
N ALA A 212 4.00 -7.03 3.41
CA ALA A 212 5.44 -7.23 3.27
C ALA A 212 5.76 -8.14 2.11
N ILE A 213 4.90 -9.12 1.85
CA ILE A 213 5.07 -9.98 0.69
C ILE A 213 4.86 -9.17 -0.57
N CYS A 214 3.91 -8.23 -0.55
CA CYS A 214 3.63 -7.40 -1.72
C CYS A 214 4.85 -6.55 -2.06
N LEU A 215 5.44 -5.90 -1.05
CA LEU A 215 6.61 -5.05 -1.24
C LEU A 215 7.84 -5.82 -1.70
N LEU A 216 8.01 -7.07 -1.24
CA LEU A 216 9.18 -7.88 -1.57
C LEU A 216 8.98 -8.73 -2.83
N SER A 217 8.22 -8.25 -3.80
CA SER A 217 8.01 -9.01 -5.02
C SER A 217 9.22 -8.87 -5.95
N PRO A 218 9.84 -9.97 -6.37
CA PRO A 218 10.94 -9.85 -7.35
C PRO A 218 10.50 -9.39 -8.72
N ASP A 219 9.27 -9.68 -9.14
CA ASP A 219 8.87 -9.46 -10.52
C ASP A 219 8.35 -8.03 -10.71
N ARG A 220 9.24 -7.07 -10.44
CA ARG A 220 8.92 -5.68 -10.67
C ARG A 220 9.91 -5.09 -11.68
N PRO A 221 9.51 -4.07 -12.43
CA PRO A 221 10.44 -3.47 -13.40
C PRO A 221 11.55 -2.75 -12.66
N GLY A 222 12.79 -3.06 -13.02
CA GLY A 222 13.92 -2.35 -12.49
C GLY A 222 14.63 -3.00 -11.32
N VAL A 223 14.23 -4.21 -10.90
CA VAL A 223 14.92 -4.84 -9.78
C VAL A 223 16.11 -5.60 -10.34
N GLN A 224 17.23 -5.54 -9.60
CA GLN A 224 18.51 -6.11 -10.00
C GLN A 224 18.78 -7.45 -9.34
N ASP A 225 18.68 -7.52 -8.02
CA ASP A 225 18.89 -8.76 -7.28
C ASP A 225 17.59 -9.55 -7.24
N HIS A 226 17.26 -10.14 -8.38
CA HIS A 226 16.08 -11.00 -8.46
C HIS A 226 16.23 -12.17 -7.50
N VAL A 227 17.41 -12.80 -7.50
CA VAL A 227 17.66 -13.93 -6.61
C VAL A 227 17.40 -13.53 -5.16
N ARG A 228 18.01 -12.44 -4.71
CA ARG A 228 18.03 -12.16 -3.27
C ARG A 228 16.63 -11.91 -2.73
N ILE A 229 15.86 -11.05 -3.39
CA ILE A 229 14.60 -10.66 -2.78
C ILE A 229 13.50 -11.68 -3.02
N GLU A 230 13.66 -12.55 -4.03
CA GLU A 230 12.76 -13.70 -4.11
C GLU A 230 12.92 -14.58 -2.89
N ALA A 231 14.15 -14.74 -2.42
CA ALA A 231 14.39 -15.51 -1.20
C ALA A 231 13.77 -14.83 0.01
N LEU A 232 13.87 -13.49 0.09
CA LEU A 232 13.17 -12.77 1.16
C LEU A 232 11.68 -13.07 1.11
N GLN A 233 11.05 -12.86 -0.05
CA GLN A 233 9.63 -13.05 -0.18
C GLN A 233 9.23 -14.50 0.08
N ASP A 234 10.09 -15.45 -0.29
CA ASP A 234 9.87 -16.86 0.05
C ASP A 234 9.78 -17.05 1.55
N ARG A 235 10.70 -16.42 2.30
CA ARG A 235 10.71 -16.56 3.74
C ARG A 235 9.46 -15.97 4.39
N LEU A 236 8.83 -14.99 3.75
CA LEU A 236 7.62 -14.41 4.32
C LEU A 236 6.40 -15.25 3.99
N CYS A 237 6.32 -15.76 2.77
CA CYS A 237 5.24 -16.67 2.39
C CYS A 237 5.19 -17.88 3.30
N ASP A 238 6.36 -18.47 3.62
CA ASP A 238 6.36 -19.63 4.52
C ASP A 238 5.87 -19.25 5.90
N VAL A 239 6.20 -18.05 6.38
CA VAL A 239 5.68 -17.59 7.66
C VAL A 239 4.16 -17.49 7.60
N LEU A 240 3.64 -16.91 6.52
CA LEU A 240 2.20 -16.74 6.38
C LEU A 240 1.47 -18.09 6.28
N GLN A 241 2.02 -19.03 5.51
CA GLN A 241 1.42 -20.36 5.43
C GLN A 241 1.41 -21.02 6.80
N ALA A 242 2.54 -20.98 7.51
CA ALA A 242 2.60 -21.60 8.83
C ALA A 242 1.69 -20.87 9.81
N TYR A 243 1.70 -19.53 9.81
CA TYR A 243 0.85 -18.79 10.73
C TYR A 243 -0.61 -19.19 10.55
N ILE A 244 -1.09 -19.20 9.30
CA ILE A 244 -2.51 -19.49 9.04
C ILE A 244 -2.86 -20.87 9.55
N ARG A 245 -2.14 -21.89 9.07
CA ARG A 245 -2.41 -23.27 9.45
C ARG A 245 -2.40 -23.45 10.97
N ILE A 246 -1.44 -22.82 11.64
CA ILE A 246 -1.25 -23.07 13.07
C ILE A 246 -2.14 -22.19 13.95
N GLN A 247 -2.37 -20.94 13.56
CA GLN A 247 -3.00 -19.93 14.42
C GLN A 247 -4.36 -19.44 13.94
N HIS A 248 -4.76 -19.71 12.69
CA HIS A 248 -6.02 -19.20 12.16
C HIS A 248 -7.01 -20.35 11.92
N PRO A 249 -7.96 -20.59 12.84
CA PRO A 249 -8.80 -21.80 12.73
C PRO A 249 -9.74 -21.71 11.53
N GLY A 250 -9.72 -22.75 10.70
CA GLY A 250 -10.47 -22.73 9.47
C GLY A 250 -9.77 -21.99 8.35
N GLY A 251 -8.44 -21.97 8.35
CA GLY A 251 -7.73 -21.17 7.39
C GLY A 251 -7.27 -21.94 6.18
N ARG A 252 -7.86 -23.12 5.97
CA ARG A 252 -7.34 -24.08 4.99
C ARG A 252 -7.25 -23.49 3.59
N LEU A 253 -8.11 -22.54 3.24
CA LEU A 253 -8.08 -21.90 1.92
C LEU A 253 -7.62 -20.45 1.97
N LEU A 254 -7.26 -19.95 3.15
CA LEU A 254 -6.99 -18.53 3.33
C LEU A 254 -5.73 -18.10 2.58
N TYR A 255 -4.70 -18.95 2.58
CA TYR A 255 -3.46 -18.58 1.91
C TYR A 255 -3.68 -18.36 0.42
N ALA A 256 -4.52 -19.20 -0.20
CA ALA A 256 -4.76 -19.08 -1.64
C ALA A 256 -5.58 -17.84 -1.96
N LYS A 257 -6.58 -17.53 -1.14
CA LYS A 257 -7.31 -16.28 -1.31
C LYS A 257 -6.39 -15.07 -1.17
N MET A 258 -5.47 -15.09 -0.20
CA MET A 258 -4.54 -13.97 -0.06
C MET A 258 -3.70 -13.81 -1.30
N ILE A 259 -3.16 -14.92 -1.81
CA ILE A 259 -2.33 -14.87 -3.00
C ILE A 259 -3.11 -14.27 -4.16
N GLN A 260 -4.38 -14.66 -4.31
CA GLN A 260 -5.24 -14.04 -5.32
C GLN A 260 -5.34 -12.52 -5.12
N LYS A 261 -5.35 -12.05 -3.87
CA LYS A 261 -5.46 -10.61 -3.65
C LYS A 261 -4.25 -9.86 -4.21
N LEU A 262 -3.06 -10.43 -4.05
CA LEU A 262 -1.89 -9.88 -4.72
C LEU A 262 -2.12 -9.72 -6.23
N ALA A 263 -2.71 -10.73 -6.89
CA ALA A 263 -2.92 -10.65 -8.32
C ALA A 263 -3.88 -9.50 -8.69
N ASP A 264 -4.96 -9.35 -7.95
CA ASP A 264 -5.89 -8.25 -8.23
C ASP A 264 -5.20 -6.90 -8.05
N LEU A 265 -4.24 -6.82 -7.11
CA LEU A 265 -3.49 -5.59 -6.89
C LEU A 265 -2.75 -5.16 -8.15
N ARG A 266 -2.12 -6.12 -8.86
CA ARG A 266 -1.45 -5.79 -10.12
C ARG A 266 -2.43 -5.22 -11.12
N SER A 267 -3.65 -5.73 -11.14
CA SER A 267 -4.65 -5.20 -12.04
C SER A 267 -5.09 -3.80 -11.60
N LEU A 268 -5.20 -3.58 -10.28
CA LEU A 268 -5.56 -2.25 -9.78
C LEU A 268 -4.44 -1.25 -10.00
N ASN A 269 -3.19 -1.67 -9.75
CA ASN A 269 -2.04 -0.83 -10.01
C ASN A 269 -2.04 -0.35 -11.45
N GLU A 270 -2.22 -1.28 -12.39
CA GLU A 270 -2.17 -0.94 -13.81
C GLU A 270 -3.20 0.12 -14.18
N GLU A 271 -4.44 -0.05 -13.68
CA GLU A 271 -5.47 0.93 -13.97
C GLU A 271 -5.16 2.28 -13.32
N HIS A 272 -4.80 2.25 -12.05
CA HIS A 272 -4.42 3.49 -11.36
C HIS A 272 -3.29 4.22 -12.09
N SER A 273 -2.15 3.46 -12.55
N SER A 273 -2.14 3.48 -12.52
CA SER A 273 -1.04 4.09 -13.24
CA SER A 273 -1.04 4.11 -13.25
C SER A 273 -1.47 4.69 -14.57
C SER A 273 -1.51 4.73 -14.55
N LYS A 274 -2.44 4.07 -15.24
CA LYS A 274 -3.04 4.68 -16.42
C LYS A 274 -3.65 6.03 -16.08
N GLN A 275 -4.41 6.08 -14.99
CA GLN A 275 -5.18 7.28 -14.71
C GLN A 275 -4.30 8.37 -14.09
N TYR A 276 -3.23 7.97 -13.41
CA TYR A 276 -2.25 8.93 -12.95
C TYR A 276 -1.54 9.59 -14.13
N ARG A 277 -1.15 8.82 -15.14
CA ARG A 277 -0.52 9.38 -16.33
C ARG A 277 -1.31 10.55 -16.86
N SER A 278 -2.61 10.35 -17.06
CA SER A 278 -3.43 11.39 -17.68
C SER A 278 -3.57 12.61 -16.79
N LEU A 279 -3.58 12.42 -15.47
CA LEU A 279 -3.50 13.55 -14.57
C LEU A 279 -2.20 14.28 -14.74
N SER A 280 -1.08 13.54 -14.70
CA SER A 280 0.23 14.17 -14.66
C SER A 280 0.63 14.78 -16.00
N PHE A 281 -0.12 14.48 -17.07
CA PHE A 281 0.08 15.11 -18.37
C PHE A 281 -0.68 16.42 -18.54
N GLN A 282 -1.49 16.81 -17.56
CA GLN A 282 -2.18 18.09 -17.61
C GLN A 282 -1.65 18.97 -16.50
N PRO A 283 -0.87 20.00 -16.82
CA PRO A 283 -0.22 20.78 -15.75
C PRO A 283 -1.19 21.42 -14.78
N GLU A 284 -2.39 21.77 -15.22
CA GLU A 284 -3.32 22.38 -14.27
C GLU A 284 -3.65 21.42 -13.12
N HIS A 285 -3.68 20.11 -13.38
CA HIS A 285 -3.86 19.11 -12.33
C HIS A 285 -2.54 18.70 -11.70
N SER A 286 -1.51 18.40 -12.51
CA SER A 286 -0.29 17.92 -11.89
C SER A 286 0.35 18.95 -10.97
N MET A 287 0.08 20.25 -11.13
CA MET A 287 0.62 21.22 -10.18
C MET A 287 0.02 21.05 -8.79
N GLN A 288 -1.13 20.36 -8.67
CA GLN A 288 -1.73 20.09 -7.37
C GLN A 288 -1.09 18.90 -6.64
N LEU A 289 -0.35 18.04 -7.35
CA LEU A 289 0.32 16.93 -6.71
C LEU A 289 1.43 17.45 -5.81
N THR A 290 2.02 16.55 -5.04
CA THR A 290 3.13 16.92 -4.20
C THR A 290 4.43 16.49 -4.84
N PRO A 291 5.57 16.99 -4.35
CA PRO A 291 6.83 16.52 -4.91
C PRO A 291 7.09 15.01 -4.72
N LEU A 292 6.68 14.39 -3.60
CA LEU A 292 6.98 12.96 -3.45
C LEU A 292 6.08 12.11 -4.33
N VAL A 293 4.77 12.42 -4.38
CA VAL A 293 3.90 11.77 -5.36
C VAL A 293 4.52 11.80 -6.75
N LEU A 294 4.94 12.99 -7.22
CA LEU A 294 5.47 13.06 -8.58
C LEU A 294 6.77 12.27 -8.74
N GLU A 295 7.58 12.17 -7.69
CA GLU A 295 8.82 11.41 -7.81
C GLU A 295 8.58 9.89 -7.76
N VAL A 296 7.58 9.45 -7.01
CA VAL A 296 7.38 7.99 -6.79
C VAL A 296 6.48 7.39 -7.86
N PHE A 297 5.31 8.00 -8.09
CA PHE A 297 4.46 7.59 -9.20
C PHE A 297 4.99 8.05 -10.55
N GLY A 298 6.11 8.76 -10.59
CA GLY A 298 6.64 9.22 -11.85
C GLY A 298 7.47 8.16 -12.53
N SER A 299 7.75 8.40 -13.81
CA SER A 299 8.30 7.35 -14.65
C SER A 299 9.80 7.48 -14.89
N GLU A 300 10.53 8.10 -13.95
CA GLU A 300 11.96 8.25 -14.12
C GLU A 300 12.72 6.98 -13.74
N VAL A 301 13.76 6.66 -14.51
CA VAL A 301 14.58 5.47 -14.26
C VAL A 301 16.00 5.85 -13.89
N LYS B 1 17.65 11.19 -9.20
CA LYS B 1 16.34 11.47 -9.75
C LYS B 1 15.33 11.22 -8.69
N HIS B 2 15.75 10.55 -7.65
CA HIS B 2 14.84 10.21 -6.59
C HIS B 2 15.39 10.89 -5.39
N LYS B 3 15.52 12.19 -5.52
CA LYS B 3 16.18 12.96 -4.47
C LYS B 3 15.49 12.80 -3.12
N ILE B 4 14.16 12.81 -3.11
CA ILE B 4 13.41 12.68 -1.85
C ILE B 4 13.48 11.24 -1.33
N LEU B 5 13.39 10.25 -2.23
CA LEU B 5 13.34 8.85 -1.82
C LEU B 5 14.63 8.42 -1.15
N HIS B 6 15.78 8.86 -1.69
CA HIS B 6 17.06 8.61 -1.04
C HIS B 6 17.11 9.24 0.35
N ARG B 7 16.74 10.52 0.45
CA ARG B 7 16.65 11.13 1.78
C ARG B 7 15.82 10.27 2.71
N LEU B 8 14.60 9.93 2.28
CA LEU B 8 13.69 9.16 3.12
C LEU B 8 14.23 7.77 3.46
N LEU B 9 14.99 7.15 2.55
CA LEU B 9 15.59 5.85 2.85
C LEU B 9 16.78 5.96 3.82
N GLN B 10 16.85 7.07 4.58
CA GLN B 10 17.93 7.34 5.55
C GLN B 10 19.29 7.47 4.88
C ACT C . -1.52 6.45 8.85
O ACT C . -1.23 6.92 10.00
OXT ACT C . -0.73 6.08 7.94
CH3 ACT C . -3.05 6.29 8.51
C7 HXI D . -5.36 4.82 -4.16
C8 HXI D . -4.35 5.98 -4.25
C9 HXI D . -4.81 7.02 -5.21
C1 HXI D . -6.80 5.47 -2.21
C5 HXI D . -7.85 5.20 -4.35
C6 HXI D . -6.69 5.18 -3.56
C4 HXI D . -9.07 5.50 -3.79
C3 HXI D . -9.17 5.80 -2.44
C2 HXI D . -8.04 5.77 -1.63
C10 HXI D . -4.88 8.16 -5.60
C11 HXI D . -4.91 9.59 -5.94
C12 HXI D . -3.89 10.07 -6.99
C14 HXI D . -8.14 6.05 -0.17
C15 HXI D . -9.31 6.90 0.25
C16 HXI D . -7.28 5.59 0.75
C17 HXI D . -7.35 5.85 2.17
C18 HXI D . -6.38 5.83 3.12
C19 HXI D . -6.76 6.19 4.55
C20 HXI D . -5.99 5.41 5.60
C21 HXI D . -4.50 5.48 5.30
C22 HXI D . -4.21 4.85 3.96
C23 HXI D . -4.97 5.56 2.86
C24 HXI D . -4.34 5.93 1.76
C27 HXI D . -4.33 11.47 -7.43
C31 HXI D . -2.48 10.19 -6.40
F28 HXI D . -5.60 11.47 -7.87
F29 HXI D . -3.56 11.95 -8.41
F30 HXI D . -4.25 12.33 -6.39
F32 HXI D . -1.63 10.78 -7.25
F33 HXI D . -1.98 8.99 -6.08
F34 HXI D . -2.49 10.93 -5.29
O13 HXI D . -3.86 9.24 -8.16
O25 HXI D . -6.40 4.04 5.56
O26 HXI D . -2.82 4.91 3.68
#